data_5FKO
#
_entry.id   5FKO
#
_cell.length_a   68.467
_cell.length_b   68.467
_cell.length_c   178.787
_cell.angle_alpha   90.00
_cell.angle_beta   90.00
_cell.angle_gamma   90.00
#
_symmetry.space_group_name_H-M   'I 41 2 2'
#
loop_
_entity.id
_entity.type
_entity.pdbx_description
1 polymer 'TETRACYCLINE REPRESSOR, CLASS D, E147A MUTANT'
2 non-polymer 5A,6-ANHYDROTETRACYCLINE
3 non-polymer 'MAGNESIUM ION'
4 non-polymer 'CHLORIDE ION'
5 water water
#
_entity_poly.entity_id   1
_entity_poly.type   'polypeptide(L)'
_entity_poly.pdbx_seq_one_letter_code
;SRLNRESVIDAALELLNETGIDGLTTRKLAQKLGIEQPTLYWHVKNKRALLDALAVEILARHHDYSLPAAGESWQSFLRN
NAMSFRRALLRYRDGAKVHLGTRPDEKQYDTVETQLRFMTENGFSLRDGLYAISAVSHFTLGAVLAQQEHTAALTDRPAA
PDENLPPLLREALQIMDSDDGEQAFLHGLESLIRGFEVQLTALLQIV
;
_entity_poly.pdbx_strand_id   A
#
loop_
_chem_comp.id
_chem_comp.type
_chem_comp.name
_chem_comp.formula
CL non-polymer 'CHLORIDE ION' 'Cl -1'
MG non-polymer 'MAGNESIUM ION' 'Mg 2'
TDC non-polymer 5A,6-ANHYDROTETRACYCLINE 'C22 H22 N2 O7'
#
# COMPACT_ATOMS: atom_id res chain seq x y z
N SER A 1 -10.66 4.22 28.05
CA SER A 1 -10.57 2.76 27.81
C SER A 1 -9.10 2.32 27.81
N ARG A 2 -8.81 1.12 27.32
CA ARG A 2 -7.45 0.59 27.32
C ARG A 2 -6.53 1.34 26.35
N LEU A 3 -5.31 1.64 26.80
CA LEU A 3 -4.36 2.43 26.00
C LEU A 3 -3.02 1.74 25.73
N ASN A 4 -3.03 0.42 25.59
CA ASN A 4 -1.82 -0.22 25.12
C ASN A 4 -1.79 0.03 23.61
N ARG A 5 -0.62 -0.15 23.02
CA ARG A 5 -0.40 0.11 21.60
C ARG A 5 -1.51 -0.49 20.73
N GLU A 6 -1.85 -1.76 20.97
CA GLU A 6 -2.82 -2.45 20.13
C GLU A 6 -4.17 -1.73 20.10
N SER A 7 -4.62 -1.30 21.26
CA SER A 7 -5.93 -0.65 21.39
C SER A 7 -5.93 0.76 20.84
N VAL A 8 -4.83 1.48 21.03
CA VAL A 8 -4.69 2.83 20.46
C VAL A 8 -4.77 2.70 18.93
N ILE A 9 -4.10 1.69 18.38
CA ILE A 9 -4.07 1.51 16.92
C ILE A 9 -5.46 1.07 16.43
N ASP A 10 -6.11 0.13 17.13
CA ASP A 10 -7.50 -0.24 16.82
C ASP A 10 -8.36 1.00 16.69
N ALA A 11 -8.27 1.88 17.68
CA ALA A 11 -9.13 3.05 17.74
C ALA A 11 -8.80 4.06 16.62
N ALA A 12 -7.51 4.25 16.39
CA ALA A 12 -7.06 5.15 15.35
C ALA A 12 -7.48 4.69 13.94
N LEU A 13 -7.49 3.38 13.71
CA LEU A 13 -7.92 2.82 12.43
C LEU A 13 -9.42 3.01 12.21
N GLU A 14 -10.18 2.79 13.28
CA GLU A 14 -11.61 3.07 13.25
C GLU A 14 -11.82 4.56 12.94
N LEU A 15 -11.08 5.43 13.61
CA LEU A 15 -11.18 6.88 13.39
C LEU A 15 -10.82 7.25 11.96
N LEU A 16 -9.74 6.67 11.46
CA LEU A 16 -9.30 6.91 10.09
C LEU A 16 -10.46 6.65 9.11
N ASN A 17 -11.17 5.55 9.31
CA ASN A 17 -12.34 5.23 8.47
C ASN A 17 -13.45 6.27 8.58
N GLU A 18 -13.65 6.81 9.77
CA GLU A 18 -14.64 7.87 10.02
C GLU A 18 -14.26 9.22 9.41
N THR A 19 -12.99 9.58 9.51
CA THR A 19 -12.55 10.96 9.20
C THR A 19 -11.70 11.10 7.94
N GLY A 20 -11.04 10.03 7.51
CA GLY A 20 -10.00 10.16 6.51
C GLY A 20 -8.73 10.71 7.13
N ILE A 21 -7.65 10.75 6.35
CA ILE A 21 -6.31 11.08 6.87
C ILE A 21 -6.19 12.55 7.28
N ASP A 22 -6.68 13.45 6.43
CA ASP A 22 -6.61 14.89 6.68
C ASP A 22 -7.39 15.25 7.92
N GLY A 23 -8.56 14.64 8.06
CA GLY A 23 -9.45 14.88 9.21
C GLY A 23 -9.12 14.12 10.47
N LEU A 24 -8.21 13.14 10.38
CA LEU A 24 -7.72 12.42 11.57
C LEU A 24 -6.87 13.35 12.41
N THR A 25 -7.19 13.46 13.70
CA THR A 25 -6.40 14.27 14.64
C THR A 25 -6.26 13.53 15.97
N THR A 26 -5.18 13.84 16.69
CA THR A 26 -4.98 13.31 18.03
C THR A 26 -6.10 13.75 18.96
N ARG A 27 -6.60 14.95 18.77
CA ARG A 27 -7.71 15.42 19.59
C ARG A 27 -8.93 14.51 19.47
N LYS A 28 -9.29 14.14 18.25
CA LYS A 28 -10.44 13.28 18.00
C LYS A 28 -10.14 11.86 18.46
N LEU A 29 -8.87 11.47 18.39
CA LEU A 29 -8.49 10.18 18.90
C LEU A 29 -8.72 10.12 20.42
N ALA A 30 -8.29 11.16 21.13
CA ALA A 30 -8.50 11.22 22.59
C ALA A 30 -9.97 11.01 22.93
N GLN A 31 -10.84 11.74 22.25
CA GLN A 31 -12.28 11.67 22.49
C GLN A 31 -12.80 10.25 22.28
N LYS A 32 -12.43 9.66 21.15
CA LYS A 32 -12.85 8.31 20.83
C LYS A 32 -12.42 7.30 21.89
N LEU A 33 -11.25 7.52 22.49
CA LEU A 33 -10.76 6.70 23.59
C LEU A 33 -11.25 7.14 24.98
N GLY A 34 -12.08 8.18 25.04
CA GLY A 34 -12.61 8.70 26.30
C GLY A 34 -11.55 9.23 27.26
N ILE A 35 -10.54 9.91 26.73
CA ILE A 35 -9.46 10.43 27.57
C ILE A 35 -9.18 11.88 27.25
N GLU A 36 -8.45 12.53 28.16
CA GLU A 36 -7.94 13.87 27.94
C GLU A 36 -6.70 13.80 27.06
N GLN A 37 -6.41 14.89 26.36
CA GLN A 37 -5.31 14.90 25.41
C GLN A 37 -3.93 14.69 26.06
N PRO A 38 -3.70 15.25 27.26
CA PRO A 38 -2.39 14.98 27.87
C PRO A 38 -2.18 13.49 28.20
N THR A 39 -3.27 12.77 28.45
CA THR A 39 -3.23 11.33 28.65
C THR A 39 -2.84 10.63 27.34
N LEU A 40 -3.48 11.01 26.24
CA LEU A 40 -3.09 10.50 24.92
C LEU A 40 -1.63 10.80 24.59
N TYR A 41 -1.16 12.01 24.91
CA TYR A 41 0.21 12.42 24.58
C TYR A 41 1.25 11.45 25.16
N TRP A 42 1.04 10.97 26.38
CA TRP A 42 1.93 9.97 26.97
C TRP A 42 2.14 8.79 26.02
N HIS A 43 1.05 8.40 25.37
CA HIS A 43 1.01 7.24 24.49
C HIS A 43 1.36 7.50 23.03
N VAL A 44 0.94 8.64 22.52
CA VAL A 44 1.08 9.00 21.10
C VAL A 44 1.52 10.45 21.06
N LYS A 45 2.71 10.72 20.56
CA LYS A 45 3.29 12.07 20.65
C LYS A 45 2.69 13.08 19.69
N ASN A 46 2.31 12.62 18.50
CA ASN A 46 1.78 13.49 17.45
C ASN A 46 1.17 12.66 16.33
N LYS A 47 0.56 13.34 15.37
CA LYS A 47 -0.07 12.68 14.23
C LYS A 47 0.92 11.87 13.38
N ARG A 48 2.11 12.42 13.15
CA ARG A 48 3.11 11.75 12.32
C ARG A 48 3.45 10.39 12.91
N ALA A 49 3.69 10.36 14.22
CA ALA A 49 3.98 9.13 14.92
C ALA A 49 2.86 8.12 14.72
N LEU A 50 1.64 8.61 14.86
CA LEU A 50 0.45 7.82 14.66
C LEU A 50 0.34 7.25 13.23
N LEU A 51 0.50 8.11 12.23
CA LEU A 51 0.45 7.67 10.83
C LEU A 51 1.51 6.64 10.49
N ASP A 52 2.71 6.85 11.01
CA ASP A 52 3.81 5.91 10.81
C ASP A 52 3.44 4.53 11.30
N ALA A 53 2.82 4.47 12.48
CA ALA A 53 2.42 3.21 13.08
C ALA A 53 1.27 2.56 12.34
N LEU A 54 0.28 3.36 11.95
CA LEU A 54 -0.82 2.86 11.14
C LEU A 54 -0.35 2.23 9.83
N ALA A 55 0.59 2.89 9.15
CA ALA A 55 1.15 2.37 7.91
C ALA A 55 1.75 0.98 8.12
N VAL A 56 2.38 0.77 9.28
CA VAL A 56 2.98 -0.51 9.57
C VAL A 56 1.92 -1.52 9.90
N GLU A 57 0.96 -1.13 10.74
CA GLU A 57 0.02 -2.09 11.26
C GLU A 57 -1.01 -2.50 10.22
N ILE A 58 -1.35 -1.61 9.29
CA ILE A 58 -2.28 -1.99 8.22
C ILE A 58 -1.74 -3.16 7.41
N LEU A 59 -0.44 -3.12 7.09
CA LEU A 59 0.20 -4.24 6.40
C LEU A 59 0.34 -5.46 7.31
N ALA A 60 0.83 -5.26 8.53
CA ALA A 60 0.96 -6.37 9.46
C ALA A 60 -0.38 -7.10 9.60
N ARG A 61 -1.46 -6.35 9.68
CA ARG A 61 -2.77 -6.93 9.91
C ARG A 61 -3.39 -7.56 8.66
N HIS A 62 -3.25 -6.92 7.50
CA HIS A 62 -4.06 -7.27 6.33
C HIS A 62 -3.28 -7.61 5.06
N HIS A 63 -1.98 -7.41 5.07
CA HIS A 63 -1.15 -7.69 3.91
C HIS A 63 -0.47 -9.03 4.12
N ASP A 64 -1.14 -10.11 3.69
CA ASP A 64 -0.70 -11.45 4.06
C ASP A 64 0.13 -12.16 3.00
N TYR A 65 0.38 -11.52 1.85
CA TYR A 65 1.30 -12.10 0.86
C TYR A 65 2.61 -11.34 0.81
N SER A 66 3.22 -11.21 1.98
CA SER A 66 4.49 -10.52 2.09
C SER A 66 5.63 -11.38 1.52
N LEU A 67 5.51 -12.69 1.68
CA LEU A 67 6.61 -13.60 1.31
C LEU A 67 6.23 -14.56 0.20
N PRO A 68 7.21 -14.94 -0.64
CA PRO A 68 6.99 -15.95 -1.68
C PRO A 68 6.64 -17.29 -1.08
N ALA A 69 5.84 -18.06 -1.80
CA ALA A 69 5.62 -19.46 -1.45
C ALA A 69 6.87 -20.23 -1.86
N ALA A 70 7.09 -21.38 -1.21
CA ALA A 70 8.14 -22.30 -1.63
C ALA A 70 8.01 -22.58 -3.12
N GLY A 71 9.10 -22.35 -3.86
CA GLY A 71 9.15 -22.68 -5.28
C GLY A 71 8.48 -21.68 -6.21
N GLU A 72 7.87 -20.64 -5.64
CA GLU A 72 7.08 -19.72 -6.43
C GLU A 72 7.99 -18.95 -7.38
N SER A 73 7.50 -18.71 -8.60
CA SER A 73 8.23 -17.86 -9.53
C SER A 73 8.25 -16.39 -9.06
N TRP A 74 9.24 -15.63 -9.51
CA TRP A 74 9.28 -14.22 -9.16
C TRP A 74 8.13 -13.46 -9.80
N GLN A 75 7.68 -13.91 -10.97
CA GLN A 75 6.53 -13.31 -11.65
C GLN A 75 5.31 -13.42 -10.77
N SER A 76 5.05 -14.64 -10.32
CA SER A 76 3.91 -14.92 -9.49
C SER A 76 4.02 -14.22 -8.14
N PHE A 77 5.20 -14.19 -7.55
CA PHE A 77 5.35 -13.49 -6.28
C PHE A 77 5.01 -12.00 -6.41
N LEU A 78 5.55 -11.32 -7.41
CA LEU A 78 5.23 -9.90 -7.61
C LEU A 78 3.73 -9.65 -7.81
N ARG A 79 3.08 -10.56 -8.53
CA ARG A 79 1.66 -10.47 -8.81
C ARG A 79 0.86 -10.60 -7.54
N ASN A 80 1.12 -11.66 -6.81
CA ASN A 80 0.43 -11.92 -5.57
C ASN A 80 0.71 -10.84 -4.52
N ASN A 81 1.94 -10.37 -4.51
CA ASN A 81 2.37 -9.37 -3.54
C ASN A 81 1.69 -8.05 -3.86
N ALA A 82 1.62 -7.70 -5.16
CA ALA A 82 0.99 -6.46 -5.56
C ALA A 82 -0.50 -6.47 -5.25
N MET A 83 -1.16 -7.61 -5.49
CA MET A 83 -2.59 -7.74 -5.20
C MET A 83 -2.86 -7.66 -3.70
N SER A 84 -2.03 -8.32 -2.91
CA SER A 84 -2.13 -8.27 -1.45
C SER A 84 -1.92 -6.84 -0.93
N PHE A 85 -0.90 -6.19 -1.45
CA PHE A 85 -0.57 -4.82 -1.08
C PHE A 85 -1.74 -3.90 -1.41
N ARG A 86 -2.28 -4.05 -2.63
CA ARG A 86 -3.43 -3.26 -3.07
C ARG A 86 -4.62 -3.41 -2.13
N ARG A 87 -4.98 -4.66 -1.86
CA ARG A 87 -6.10 -4.97 -1.00
C ARG A 87 -5.93 -4.35 0.39
N ALA A 88 -4.73 -4.48 0.94
CA ALA A 88 -4.45 -3.92 2.26
C ALA A 88 -4.58 -2.40 2.28
N LEU A 89 -4.06 -1.72 1.26
CA LEU A 89 -4.20 -0.26 1.19
C LEU A 89 -5.65 0.18 1.02
N LEU A 90 -6.45 -0.61 0.30
CA LEU A 90 -7.87 -0.29 0.09
C LEU A 90 -8.75 -0.53 1.29
N ARG A 91 -8.26 -1.31 2.25
CA ARG A 91 -9.08 -1.71 3.39
C ARG A 91 -9.49 -0.53 4.27
N TYR A 92 -8.62 0.46 4.42
CA TYR A 92 -8.96 1.68 5.15
C TYR A 92 -8.98 2.90 4.26
N ARG A 93 -9.89 3.81 4.59
CA ARG A 93 -10.02 5.10 3.95
C ARG A 93 -8.67 5.84 3.96
N ASP A 94 -8.28 6.34 2.79
CA ASP A 94 -6.99 7.01 2.61
C ASP A 94 -5.79 6.14 3.00
N GLY A 95 -5.95 4.82 2.93
CA GLY A 95 -4.87 3.90 3.26
C GLY A 95 -3.59 4.08 2.45
N ALA A 96 -3.74 4.38 1.17
CA ALA A 96 -2.58 4.66 0.33
C ALA A 96 -1.86 5.92 0.77
N LYS A 97 -2.61 6.96 1.07
CA LYS A 97 -2.04 8.18 1.63
C LYS A 97 -1.33 7.93 2.96
N VAL A 98 -1.87 7.04 3.78
CA VAL A 98 -1.19 6.68 5.03
C VAL A 98 0.17 6.03 4.77
N HIS A 99 0.23 5.17 3.76
CA HIS A 99 1.46 4.51 3.39
C HIS A 99 2.49 5.48 2.82
N LEU A 100 2.02 6.41 1.98
CA LEU A 100 2.91 7.30 1.23
C LEU A 100 3.92 7.99 2.13
N GLY A 101 5.17 7.93 1.70
CA GLY A 101 6.26 8.63 2.36
C GLY A 101 7.01 7.76 3.34
N THR A 102 6.42 6.64 3.75
CA THR A 102 7.02 5.78 4.75
C THR A 102 8.19 4.97 4.19
N ARG A 103 8.99 4.44 5.10
CA ARG A 103 10.06 3.54 4.75
C ARG A 103 9.87 2.31 5.60
N PRO A 104 10.46 1.17 5.21
CA PRO A 104 10.21 0.00 6.03
C PRO A 104 10.60 0.26 7.49
N ASP A 105 9.76 -0.26 8.39
CA ASP A 105 9.97 -0.17 9.82
C ASP A 105 10.87 -1.31 10.26
N GLU A 106 11.54 -1.14 11.40
CA GLU A 106 12.30 -2.22 11.97
C GLU A 106 11.53 -3.53 12.03
N LYS A 107 10.24 -3.48 12.33
CA LYS A 107 9.41 -4.69 12.39
C LYS A 107 9.16 -5.35 11.00
N GLN A 108 9.50 -4.65 9.93
CA GLN A 108 9.37 -5.17 8.55
C GLN A 108 10.73 -5.50 7.92
N TYR A 109 11.82 -5.17 8.60
CA TYR A 109 13.17 -5.41 8.06
C TYR A 109 13.38 -6.79 7.44
N ASP A 110 13.11 -7.85 8.21
CA ASP A 110 13.33 -9.22 7.73
C ASP A 110 12.43 -9.56 6.54
N THR A 111 11.22 -9.03 6.55
CA THR A 111 10.28 -9.26 5.45
C THR A 111 10.78 -8.64 4.15
N VAL A 112 11.02 -7.33 4.17
CA VAL A 112 11.49 -6.63 2.97
C VAL A 112 12.87 -7.11 2.50
N GLU A 113 13.76 -7.42 3.46
CA GLU A 113 15.07 -8.02 3.15
C GLU A 113 14.90 -9.33 2.36
N THR A 114 14.03 -10.18 2.87
CA THR A 114 13.75 -11.45 2.22
C THR A 114 13.27 -11.29 0.79
N GLN A 115 12.36 -10.34 0.56
CA GLN A 115 11.89 -10.02 -0.78
C GLN A 115 13.05 -9.57 -1.69
N LEU A 116 13.92 -8.72 -1.18
CA LEU A 116 15.06 -8.26 -1.96
C LEU A 116 16.01 -9.41 -2.28
N ARG A 117 16.28 -10.23 -1.28
CA ARG A 117 17.12 -11.42 -1.46
C ARG A 117 16.53 -12.38 -2.48
N PHE A 118 15.24 -12.67 -2.33
CA PHE A 118 14.46 -13.51 -3.27
C PHE A 118 14.61 -13.04 -4.73
N MET A 119 14.40 -11.75 -5.00
CA MET A 119 14.63 -11.23 -6.35
C MET A 119 16.07 -11.54 -6.80
N THR A 120 17.05 -11.27 -5.93
CA THR A 120 18.44 -11.53 -6.31
C THR A 120 18.70 -13.02 -6.57
N GLU A 121 18.01 -13.90 -5.84
CA GLU A 121 18.13 -15.35 -6.07
C GLU A 121 17.48 -15.83 -7.39
N ASN A 122 16.71 -14.98 -8.04
CA ASN A 122 16.08 -15.33 -9.32
C ASN A 122 16.71 -14.62 -10.50
N GLY A 123 17.92 -14.11 -10.33
CA GLY A 123 18.66 -13.54 -11.44
C GLY A 123 18.71 -12.04 -11.51
N PHE A 124 17.92 -11.33 -10.71
CA PHE A 124 18.03 -9.87 -10.68
C PHE A 124 19.26 -9.44 -9.89
N SER A 125 19.95 -8.42 -10.38
CA SER A 125 20.86 -7.64 -9.52
C SER A 125 20.03 -6.95 -8.46
N LEU A 126 20.65 -6.64 -7.32
CA LEU A 126 19.90 -5.93 -6.27
C LEU A 126 19.15 -4.74 -6.86
N ARG A 127 19.86 -4.01 -7.72
CA ARG A 127 19.38 -2.80 -8.37
C ARG A 127 18.07 -3.04 -9.11
N ASP A 128 18.12 -4.02 -10.00
CA ASP A 128 16.98 -4.33 -10.85
C ASP A 128 15.84 -4.96 -10.07
N GLY A 129 16.20 -5.78 -9.10
CA GLY A 129 15.23 -6.36 -8.18
C GLY A 129 14.49 -5.23 -7.47
N LEU A 130 15.27 -4.28 -6.95
CA LEU A 130 14.74 -3.09 -6.32
C LEU A 130 13.86 -2.26 -7.28
N TYR A 131 14.32 -2.05 -8.51
CA TYR A 131 13.58 -1.25 -9.43
C TYR A 131 12.26 -1.92 -9.78
N ALA A 132 12.26 -3.25 -9.83
CA ALA A 132 11.06 -4.02 -10.11
C ALA A 132 10.10 -3.85 -8.96
N ILE A 133 10.61 -4.10 -7.76
CA ILE A 133 9.83 -3.96 -6.54
C ILE A 133 9.26 -2.55 -6.41
N SER A 134 10.09 -1.53 -6.63
CA SER A 134 9.63 -0.16 -6.52
C SER A 134 8.56 0.16 -7.57
N ALA A 135 8.79 -0.24 -8.81
CA ALA A 135 7.81 0.02 -9.89
C ALA A 135 6.46 -0.60 -9.58
N VAL A 136 6.46 -1.83 -9.09
CA VAL A 136 5.24 -2.48 -8.65
C VAL A 136 4.57 -1.70 -7.52
N SER A 137 5.35 -1.28 -6.54
CA SER A 137 4.83 -0.51 -5.43
C SER A 137 4.23 0.82 -5.89
N HIS A 138 4.93 1.50 -6.77
CA HIS A 138 4.50 2.81 -7.23
C HIS A 138 3.28 2.71 -8.10
N PHE A 139 3.24 1.69 -8.93
CA PHE A 139 2.10 1.46 -9.80
C PHE A 139 0.92 1.15 -8.95
N THR A 140 1.12 0.26 -7.97
CA THR A 140 0.03 -0.12 -7.08
C THR A 140 -0.47 1.06 -6.24
N LEU A 141 0.45 1.80 -5.63
CA LEU A 141 0.09 2.98 -4.86
C LEU A 141 -0.66 4.00 -5.73
N GLY A 142 -0.19 4.22 -6.95
CA GLY A 142 -0.79 5.20 -7.85
C GLY A 142 -2.20 4.81 -8.19
N ALA A 143 -2.40 3.52 -8.48
CA ALA A 143 -3.71 3.01 -8.83
C ALA A 143 -4.66 3.12 -7.65
N VAL A 144 -4.21 2.75 -6.45
CA VAL A 144 -5.06 2.83 -5.30
C VAL A 144 -5.39 4.29 -4.98
N LEU A 145 -4.38 5.14 -5.02
CA LEU A 145 -4.59 6.56 -4.74
C LEU A 145 -5.61 7.17 -5.67
N ALA A 146 -5.53 6.81 -6.94
CA ALA A 146 -6.48 7.31 -7.94
C ALA A 146 -7.89 6.94 -7.54
N GLN A 147 -8.06 5.68 -7.14
CA GLN A 147 -9.35 5.17 -6.73
C GLN A 147 -9.81 5.89 -5.46
N GLN A 148 -8.93 5.93 -4.46
CA GLN A 148 -9.28 6.52 -3.16
C GLN A 148 -9.49 8.04 -3.22
N GLU A 149 -8.65 8.76 -3.97
CA GLU A 149 -8.75 10.22 -4.04
C GLU A 149 -9.88 10.68 -4.93
N HIS A 150 -10.17 9.90 -5.96
CA HIS A 150 -11.37 10.18 -6.74
C HIS A 150 -12.60 10.14 -5.84
N THR A 151 -12.71 9.09 -5.02
CA THR A 151 -13.85 8.94 -4.11
C THR A 151 -13.97 10.14 -3.18
N ALA A 152 -12.84 10.51 -2.57
CA ALA A 152 -12.75 11.68 -1.69
C ALA A 152 -13.20 12.98 -2.37
N ALA A 153 -12.77 13.19 -3.61
CA ALA A 153 -13.19 14.35 -4.39
C ALA A 153 -14.72 14.42 -4.55
N LEU A 154 -15.36 13.26 -4.69
CA LEU A 154 -16.83 13.20 -4.72
C LEU A 154 -17.41 13.57 -3.35
N ASN A 164 -20.61 19.08 -24.48
CA ASN A 164 -19.76 18.80 -23.34
C ASN A 164 -18.72 17.71 -23.68
N LEU A 165 -18.84 16.50 -23.13
CA LEU A 165 -17.79 15.50 -23.30
C LEU A 165 -17.64 15.08 -24.76
N PRO A 166 -16.39 15.07 -25.27
CA PRO A 166 -16.22 14.37 -26.54
C PRO A 166 -16.41 12.85 -26.32
N PRO A 167 -16.61 12.07 -27.41
CA PRO A 167 -17.18 10.72 -27.28
C PRO A 167 -16.30 9.64 -26.64
N LEU A 168 -15.02 9.63 -26.96
CA LEU A 168 -14.10 8.65 -26.37
C LEU A 168 -13.89 8.90 -24.88
N LEU A 169 -13.72 10.18 -24.52
CA LEU A 169 -13.64 10.55 -23.11
C LEU A 169 -14.93 10.12 -22.42
N ARG A 170 -16.09 10.43 -23.01
CA ARG A 170 -17.37 10.04 -22.41
C ARG A 170 -17.40 8.53 -22.14
N GLU A 171 -16.98 7.74 -23.13
CA GLU A 171 -16.97 6.28 -23.00
C GLU A 171 -15.89 5.82 -22.02
N ALA A 172 -14.72 6.43 -22.09
CA ALA A 172 -13.65 6.15 -21.12
C ALA A 172 -14.15 6.32 -19.68
N LEU A 173 -14.86 7.41 -19.43
CA LEU A 173 -15.35 7.70 -18.10
C LEU A 173 -16.42 6.69 -17.68
N GLN A 174 -17.28 6.29 -18.62
CA GLN A 174 -18.24 5.21 -18.36
C GLN A 174 -17.51 3.90 -17.99
N ILE A 175 -16.49 3.55 -18.77
CA ILE A 175 -15.67 2.36 -18.49
C ILE A 175 -15.08 2.40 -17.08
N MET A 176 -14.58 3.57 -16.66
CA MET A 176 -14.01 3.74 -15.32
C MET A 176 -15.06 3.78 -14.20
N ASP A 177 -16.24 4.31 -14.50
CA ASP A 177 -17.33 4.31 -13.53
C ASP A 177 -18.06 2.95 -13.46
N SER A 178 -17.63 1.97 -14.27
CA SER A 178 -18.24 0.64 -14.30
C SER A 178 -17.73 -0.31 -13.19
N ASP A 179 -16.44 -0.27 -12.86
CA ASP A 179 -15.93 -0.99 -11.66
C ASP A 179 -14.99 -0.10 -10.84
N ASP A 180 -14.37 -0.70 -9.83
CA ASP A 180 -13.59 0.03 -8.83
C ASP A 180 -12.17 0.44 -9.25
N GLY A 181 -11.66 -0.11 -10.36
CA GLY A 181 -10.25 0.10 -10.74
C GLY A 181 -9.45 -1.20 -10.85
N GLU A 182 -10.05 -2.31 -10.46
CA GLU A 182 -9.31 -3.57 -10.37
C GLU A 182 -8.89 -4.07 -11.75
N GLN A 183 -9.81 -3.96 -12.70
CA GLN A 183 -9.56 -4.39 -14.06
C GLN A 183 -8.37 -3.65 -14.69
N ALA A 184 -8.35 -2.34 -14.59
CA ALA A 184 -7.26 -1.57 -15.17
C ALA A 184 -5.96 -1.89 -14.45
N PHE A 185 -6.05 -2.08 -13.14
CA PHE A 185 -4.87 -2.35 -12.32
C PHE A 185 -4.25 -3.69 -12.71
N LEU A 186 -5.06 -4.73 -12.76
CA LEU A 186 -4.59 -6.08 -13.06
C LEU A 186 -4.04 -6.18 -14.48
N HIS A 187 -4.66 -5.44 -15.41
CA HIS A 187 -4.19 -5.40 -16.79
C HIS A 187 -2.80 -4.73 -16.86
N GLY A 188 -2.66 -3.58 -16.22
CA GLY A 188 -1.38 -2.91 -16.11
C GLY A 188 -0.32 -3.75 -15.40
N LEU A 189 -0.71 -4.42 -14.33
CA LEU A 189 0.21 -5.28 -13.60
C LEU A 189 0.86 -6.35 -14.47
N GLU A 190 0.06 -6.95 -15.36
CA GLU A 190 0.59 -7.96 -16.26
C GLU A 190 1.55 -7.34 -17.24
N SER A 191 1.24 -6.15 -17.75
CA SER A 191 2.13 -5.46 -18.65
C SER A 191 3.47 -5.17 -17.98
N LEU A 192 3.42 -4.68 -16.75
CA LEU A 192 4.60 -4.39 -15.95
C LEU A 192 5.51 -5.62 -15.72
N ILE A 193 4.91 -6.69 -15.22
CA ILE A 193 5.63 -7.93 -14.95
C ILE A 193 6.27 -8.49 -16.23
N ARG A 194 5.51 -8.54 -17.33
CA ARG A 194 6.09 -9.03 -18.59
C ARG A 194 7.27 -8.17 -19.03
N GLY A 195 7.15 -6.87 -18.85
CA GLY A 195 8.25 -5.96 -19.15
C GLY A 195 9.49 -6.26 -18.33
N PHE A 196 9.31 -6.52 -17.03
CA PHE A 196 10.44 -6.95 -16.17
C PHE A 196 11.08 -8.24 -16.68
N GLU A 197 10.27 -9.17 -17.17
CA GLU A 197 10.77 -10.46 -17.65
C GLU A 197 11.54 -10.30 -18.93
N VAL A 198 10.99 -9.52 -19.86
CA VAL A 198 11.71 -9.23 -21.10
C VAL A 198 13.10 -8.65 -20.75
N GLN A 199 13.15 -7.73 -19.79
CA GLN A 199 14.44 -7.14 -19.37
C GLN A 199 15.37 -8.18 -18.75
N LEU A 200 14.85 -8.97 -17.82
CA LEU A 200 15.67 -9.95 -17.10
C LEU A 200 16.28 -10.93 -18.07
N THR A 201 15.46 -11.46 -18.98
CA THR A 201 15.93 -12.47 -19.90
C THR A 201 16.92 -11.94 -20.93
N ALA A 202 16.91 -10.64 -21.20
CA ALA A 202 17.77 -10.08 -22.26
C ALA A 202 19.26 -10.12 -21.88
N LEU A 203 19.54 -10.08 -20.57
CA LEU A 203 20.90 -10.02 -20.06
C LEU A 203 21.63 -8.82 -20.69
N LEU A 204 22.70 -9.06 -21.43
CA LEU A 204 23.46 -7.98 -22.09
C LEU A 204 23.06 -7.75 -23.55
N GLN A 205 22.04 -8.46 -24.04
CA GLN A 205 21.58 -8.29 -25.42
C GLN A 205 20.85 -6.94 -25.59
N ILE A 206 20.92 -6.37 -26.78
CA ILE A 206 20.14 -5.18 -27.10
C ILE A 206 18.69 -5.61 -27.21
N VAL A 207 17.82 -4.88 -26.53
CA VAL A 207 16.43 -5.28 -26.37
C VAL A 207 15.55 -4.05 -26.44
O12 TDC B . 6.43 -0.35 1.26
C12 TDC B . 7.08 -1.30 0.80
C1B TDC B . 8.54 -1.15 0.51
C11 TDC B . 9.20 0.15 0.69
O11 TDC B . 8.49 1.24 1.06
C1A TDC B . 10.64 0.30 0.43
C10 TDC B . 11.29 1.61 0.60
O10 TDC B . 10.56 2.68 0.97
C9 TDC B . 12.65 1.70 0.37
C8 TDC B . 13.39 0.59 0.00
C7 TDC B . 12.81 -0.66 -0.15
C61 TDC B . 11.45 -0.86 0.04
C6 TDC B . 10.80 -2.19 -0.13
C62 TDC B . 11.64 -3.37 -0.54
C51 TDC B . 9.33 -2.33 0.11
C5 TDC B . 8.65 -3.67 -0.07
C1C TDC B . 6.48 -2.67 0.63
C1 TDC B . 6.54 -3.51 1.89
O1 TDC B . 6.92 -3.03 2.99
O1C TDC B . 5.12 -2.42 0.38
C41 TDC B . 7.18 -3.47 -0.48
C4 TDC B . 6.57 -4.86 -0.77
N4 TDC B . 5.66 -4.95 -1.95
C43 TDC B . 6.39 -4.87 -3.24
C42 TDC B . 4.54 -4.00 -1.99
C3 TDC B . 5.85 -5.38 0.46
O3 TDC B . 4.95 -6.33 0.24
C2 TDC B . 6.06 -4.89 1.72
C21 TDC B . 5.75 -5.75 2.88
O21 TDC B . 5.30 -6.88 2.70
N21 TDC B . 5.94 -5.33 4.12
MG MG C . 6.69 1.70 1.21
CL CL D . 5.67 5.60 -0.82
CL CL E . 4.83 -19.82 -9.88
CL CL F . -4.25 1.45 29.81
CL CL G . -0.18 -3.83 22.85
CL CL H . -3.34 16.21 15.24
#